data_2QME
#
_entry.id   2QME
#
_cell.length_a   84.226
_cell.length_b   53.480
_cell.length_c   47.682
_cell.angle_alpha   90.00
_cell.angle_beta   93.45
_cell.angle_gamma   90.00
#
_symmetry.space_group_name_H-M   'C 1 2 1'
#
loop_
_entity.id
_entity.type
_entity.pdbx_description
1 polymer 'Ras-related C3 botulinum toxin substrate 3'
2 polymer 'CRIB domain of the Serine/threonine-protein kinase PAK 1'
3 non-polymer 'MAGNESIUM ION'
4 non-polymer 'PHOSPHOMETHYLPHOSPHONIC ACID GUANYLATE ESTER'
5 non-polymer GLYCEROL
6 water water
#
loop_
_entity_poly.entity_id
_entity_poly.type
_entity_poly.pdbx_seq_one_letter_code
_entity_poly.pdbx_strand_id
1 'polypeptide(L)'
;SMQAIKCVVVGDGAVGKTCLLISYTTNAFPGEYIPTVFDNYSANVMVDGKPVNLGLWDTAGQEDYDRLRPLSYPQTDVFL
ICFSLVSPASFENVRAKWYPEVRHHCPHTPILLVGTKLDLRDDKDTIERLRDKKLAPITYPQGLAMAREIGSVKYLECSA
LTQRGLKTVFDEAIRAVLG
;
A
2 'polypeptide(L)' EISLPSDFEHTIHVGFDAVTGEFTGMPEQWARLLQT I
#
loop_
_chem_comp.id
_chem_comp.type
_chem_comp.name
_chem_comp.formula
GCP non-polymer 'PHOSPHOMETHYLPHOSPHONIC ACID GUANYLATE ESTER' 'C11 H18 N5 O13 P3'
GOL non-polymer GLYCEROL 'C3 H8 O3'
MG non-polymer 'MAGNESIUM ION' 'Mg 2'
#
# COMPACT_ATOMS: atom_id res chain seq x y z
N MET A 2 -19.44 11.62 10.71
CA MET A 2 -19.08 10.45 9.85
C MET A 2 -17.91 9.68 10.48
N GLN A 3 -18.09 8.37 10.65
CA GLN A 3 -17.01 7.49 11.09
C GLN A 3 -15.82 7.72 10.14
N ALA A 4 -14.62 7.64 10.68
CA ALA A 4 -13.39 7.85 9.88
C ALA A 4 -12.39 6.73 10.18
N ILE A 5 -11.63 6.35 9.16
CA ILE A 5 -10.63 5.30 9.29
C ILE A 5 -9.34 5.88 8.72
N LYS A 6 -8.25 5.72 9.45
CA LYS A 6 -6.94 6.13 8.98
C LYS A 6 -6.13 4.93 8.54
N CYS A 7 -5.73 4.93 7.26
CA CYS A 7 -4.96 3.85 6.66
C CYS A 7 -3.67 4.38 6.07
N VAL A 8 -2.56 3.78 6.49
CA VAL A 8 -1.23 4.23 6.07
C VAL A 8 -0.60 3.14 5.21
N VAL A 9 0.00 3.54 4.09
CA VAL A 9 0.51 2.59 3.10
C VAL A 9 2.03 2.76 3.05
N VAL A 10 2.76 1.66 3.27
CA VAL A 10 4.23 1.69 3.28
C VAL A 10 4.80 0.52 2.47
N GLY A 11 6.08 0.61 2.11
CA GLY A 11 6.75 -0.46 1.37
C GLY A 11 7.81 0.14 0.48
N ASP A 12 8.61 -0.72 -0.14
CA ASP A 12 9.78 -0.29 -0.91
C ASP A 12 9.50 0.69 -2.05
N GLY A 13 10.54 1.44 -2.46
CA GLY A 13 10.45 2.23 -3.67
C GLY A 13 10.03 1.34 -4.84
N ALA A 14 9.26 1.95 -5.73
CA ALA A 14 8.76 1.33 -6.96
C ALA A 14 7.72 0.22 -6.81
N VAL A 15 7.21 -0.07 -5.61
CA VAL A 15 6.27 -1.22 -5.49
C VAL A 15 4.85 -0.96 -6.00
N GLY A 16 4.42 0.30 -5.99
CA GLY A 16 3.09 0.66 -6.54
C GLY A 16 2.10 1.19 -5.50
N LYS A 17 2.60 1.75 -4.40
CA LYS A 17 1.76 2.29 -3.33
C LYS A 17 0.83 3.40 -3.85
N THR A 18 1.41 4.35 -4.55
CA THR A 18 0.64 5.48 -5.08
C THR A 18 -0.40 5.06 -6.10
N CYS A 19 0.01 4.23 -7.05
CA CYS A 19 -0.92 3.72 -8.06
C CYS A 19 -2.06 2.93 -7.41
N LEU A 20 -1.75 2.16 -6.37
CA LEU A 20 -2.79 1.41 -5.62
C LEU A 20 -3.86 2.37 -5.10
N LEU A 21 -3.41 3.41 -4.39
CA LEU A 21 -4.33 4.38 -3.78
C LEU A 21 -5.09 5.21 -4.81
N ILE A 22 -4.42 5.64 -5.86
CA ILE A 22 -5.05 6.50 -6.87
C ILE A 22 -6.02 5.70 -7.78
N SER A 23 -5.64 4.50 -8.18
CA SER A 23 -6.52 3.67 -8.98
C SER A 23 -7.78 3.34 -8.17
N TYR A 24 -7.61 3.01 -6.90
CA TYR A 24 -8.79 2.68 -6.08
C TYR A 24 -9.71 3.89 -5.91
N THR A 25 -9.16 5.04 -5.53
CA THR A 25 -10.00 6.19 -5.16
C THR A 25 -10.56 7.00 -6.35
N THR A 26 -9.92 6.91 -7.50
CA THR A 26 -10.27 7.74 -8.69
C THR A 26 -10.59 6.93 -9.95
N ASN A 27 -10.24 5.64 -9.94
CA ASN A 27 -10.33 4.75 -11.11
C ASN A 27 -9.42 5.09 -12.28
N ALA A 28 -8.50 6.02 -12.06
CA ALA A 28 -7.57 6.44 -13.09
C ALA A 28 -6.21 5.97 -12.60
N PHE A 29 -5.46 5.34 -13.48
CA PHE A 29 -4.16 4.80 -13.13
C PHE A 29 -3.14 5.85 -13.56
N PRO A 30 -2.28 6.30 -12.63
CA PRO A 30 -1.24 7.30 -12.94
C PRO A 30 -0.39 6.93 -14.15
N GLY A 31 -0.17 7.91 -15.03
CA GLY A 31 0.67 7.71 -16.23
C GLY A 31 2.17 7.76 -15.98
N GLU A 32 2.57 8.53 -14.96
CA GLU A 32 3.97 8.79 -14.66
C GLU A 32 4.42 8.04 -13.40
N TYR A 33 5.73 7.87 -13.26
CA TYR A 33 6.30 7.35 -12.01
C TYR A 33 6.94 8.54 -11.32
N ILE A 34 6.22 9.07 -10.32
CA ILE A 34 6.69 10.22 -9.53
C ILE A 34 6.84 9.75 -8.09
N PRO A 35 8.09 9.54 -7.66
CA PRO A 35 8.27 9.11 -6.28
C PRO A 35 7.66 10.04 -5.25
N THR A 36 7.07 9.44 -4.24
CA THR A 36 6.34 10.19 -3.24
C THR A 36 7.23 10.67 -2.13
N VAL A 37 6.89 11.85 -1.59
CA VAL A 37 7.42 12.28 -0.33
C VAL A 37 6.36 12.04 0.75
N PHE A 38 5.25 12.75 0.67
CA PHE A 38 4.13 12.54 1.58
C PHE A 38 2.89 13.08 0.86
N ASP A 39 1.82 12.26 0.76
CA ASP A 39 0.53 12.71 0.26
C ASP A 39 -0.57 12.07 1.10
N ASN A 40 -1.61 12.85 1.33
CA ASN A 40 -2.85 12.36 1.98
C ASN A 40 -4.03 12.52 1.02
N TYR A 41 -4.79 11.45 0.89
CA TYR A 41 -6.02 11.46 0.09
C TYR A 41 -7.17 11.09 1.01
N SER A 42 -8.36 11.52 0.63
CA SER A 42 -9.58 11.23 1.36
C SER A 42 -10.58 10.67 0.35
N ALA A 43 -11.39 9.72 0.79
CA ALA A 43 -12.48 9.19 -0.02
C ALA A 43 -13.52 8.66 0.94
N ASN A 44 -14.76 8.57 0.49
CA ASN A 44 -15.82 8.01 1.30
C ASN A 44 -16.28 6.69 0.71
N VAL A 45 -16.67 5.76 1.59
CA VAL A 45 -17.35 4.54 1.16
C VAL A 45 -18.57 4.32 2.04
N MET A 46 -19.58 3.63 1.50
CA MET A 46 -20.73 3.20 2.32
C MET A 46 -20.42 1.81 2.86
N VAL A 47 -20.52 1.64 4.16
CA VAL A 47 -20.22 0.37 4.81
C VAL A 47 -21.49 -0.06 5.55
N ASP A 48 -22.16 -1.09 5.05
CA ASP A 48 -23.36 -1.62 5.67
C ASP A 48 -24.37 -0.50 5.93
N GLY A 49 -24.51 0.38 4.94
CA GLY A 49 -25.55 1.43 4.97
C GLY A 49 -25.18 2.73 5.66
N LYS A 50 -23.92 2.86 6.07
CA LYS A 50 -23.42 4.05 6.74
C LYS A 50 -22.13 4.52 6.10
N PRO A 51 -21.94 5.84 5.95
CA PRO A 51 -20.72 6.32 5.32
C PRO A 51 -19.53 6.30 6.26
N VAL A 52 -18.37 5.96 5.69
CA VAL A 52 -17.11 6.00 6.38
C VAL A 52 -16.14 6.81 5.54
N ASN A 53 -15.45 7.72 6.20
CA ASN A 53 -14.40 8.48 5.55
C ASN A 53 -13.08 7.77 5.69
N LEU A 54 -12.46 7.55 4.54
CA LEU A 54 -11.16 6.93 4.49
C LEU A 54 -10.09 8.02 4.38
N GLY A 55 -9.20 8.11 5.37
CA GLY A 55 -8.06 9.01 5.30
C GLY A 55 -6.87 8.15 4.92
N LEU A 56 -6.36 8.34 3.70
CA LEU A 56 -5.38 7.46 3.11
C LEU A 56 -4.03 8.19 3.05
N TRP A 57 -3.02 7.61 3.68
CA TRP A 57 -1.74 8.27 3.88
C TRP A 57 -0.70 7.54 3.05
N ASP A 58 -0.22 8.24 2.03
CA ASP A 58 0.71 7.72 1.07
C ASP A 58 2.11 8.11 1.55
N THR A 59 3.02 7.16 1.61
CA THR A 59 4.35 7.46 2.18
C THR A 59 5.46 7.17 1.15
N ALA A 60 6.68 7.63 1.46
CA ALA A 60 7.84 7.45 0.60
C ALA A 60 8.50 6.09 0.82
N GLY A 61 8.71 5.33 -0.25
CA GLY A 61 9.50 4.09 -0.17
C GLY A 61 11.00 4.34 0.01
N GLN A 62 11.49 5.51 -0.39
CA GLN A 62 12.94 5.84 -0.32
C GLN A 62 13.47 5.86 1.11
N GLU A 63 14.63 5.26 1.35
CA GLU A 63 15.23 5.30 2.68
C GLU A 63 15.51 6.74 3.16
N ASP A 64 15.66 7.70 2.22
CA ASP A 64 15.92 9.12 2.56
C ASP A 64 14.94 9.66 3.57
N TYR A 65 13.74 9.12 3.53
CA TYR A 65 12.64 9.62 4.31
C TYR A 65 12.35 8.82 5.59
N ASP A 66 13.31 8.00 5.99
CA ASP A 66 13.13 7.17 7.18
C ASP A 66 12.85 7.97 8.45
N ARG A 67 13.43 9.15 8.61
CA ARG A 67 13.15 9.96 9.81
C ARG A 67 11.79 10.66 9.75
N LEU A 68 11.37 11.02 8.54
CA LEU A 68 10.10 11.72 8.31
C LEU A 68 8.89 10.81 8.39
N ARG A 69 9.05 9.59 7.85
CA ARG A 69 7.92 8.71 7.59
C ARG A 69 6.99 8.55 8.78
N PRO A 70 7.55 8.38 10.00
CA PRO A 70 6.67 8.19 11.15
C PRO A 70 5.77 9.38 11.49
N LEU A 71 5.96 10.52 10.82
CA LEU A 71 4.96 11.60 10.93
C LEU A 71 3.55 11.09 10.60
N SER A 72 3.45 10.11 9.69
CA SER A 72 2.18 9.47 9.34
C SER A 72 1.56 8.50 10.34
N TYR A 73 2.34 8.03 11.30
CA TYR A 73 1.93 6.82 12.04
C TYR A 73 0.95 6.98 13.20
N PRO A 74 1.09 8.04 14.03
CA PRO A 74 0.19 8.14 15.17
C PRO A 74 -1.29 8.08 14.79
N GLN A 75 -2.08 7.32 15.55
CA GLN A 75 -3.54 7.25 15.36
C GLN A 75 -3.92 6.49 14.10
N THR A 76 -2.99 5.75 13.51
CA THR A 76 -3.32 4.87 12.38
C THR A 76 -4.22 3.72 12.83
N ASP A 77 -5.25 3.43 12.05
CA ASP A 77 -6.16 2.32 12.33
C ASP A 77 -5.78 1.01 11.64
N VAL A 78 -5.11 1.12 10.49
CA VAL A 78 -4.67 -0.03 9.72
C VAL A 78 -3.55 0.36 8.76
N PHE A 79 -2.57 -0.54 8.63
CA PHE A 79 -1.45 -0.39 7.70
C PHE A 79 -1.61 -1.33 6.53
N LEU A 80 -1.19 -0.84 5.37
CA LEU A 80 -0.94 -1.71 4.23
C LEU A 80 0.57 -1.72 4.00
N ILE A 81 1.20 -2.85 4.26
CA ILE A 81 2.57 -3.06 3.87
C ILE A 81 2.57 -3.74 2.51
N CYS A 82 3.25 -3.10 1.55
CA CYS A 82 3.16 -3.47 0.16
C CYS A 82 4.51 -3.96 -0.36
N PHE A 83 4.44 -4.97 -1.23
CA PHE A 83 5.61 -5.41 -1.98
C PHE A 83 5.16 -5.82 -3.37
N SER A 84 6.08 -5.75 -4.33
CA SER A 84 5.72 -6.11 -5.69
C SER A 84 5.87 -7.61 -5.83
N LEU A 85 4.86 -8.27 -6.38
CA LEU A 85 4.90 -9.71 -6.59
C LEU A 85 6.00 -10.14 -7.56
N VAL A 86 6.56 -9.17 -8.29
CA VAL A 86 7.63 -9.48 -9.25
C VAL A 86 8.96 -8.86 -8.86
N SER A 87 9.10 -8.53 -7.57
CA SER A 87 10.35 -8.07 -6.95
C SER A 87 10.62 -8.78 -5.62
N PRO A 88 11.31 -9.92 -5.70
CA PRO A 88 11.77 -10.61 -4.50
C PRO A 88 12.52 -9.71 -3.49
N ALA A 89 13.29 -8.72 -3.96
CA ALA A 89 13.96 -7.78 -3.02
C ALA A 89 12.93 -7.03 -2.17
N SER A 90 11.87 -6.58 -2.81
CA SER A 90 10.83 -5.82 -2.10
C SER A 90 10.09 -6.69 -1.07
N PHE A 91 9.94 -7.98 -1.40
CA PHE A 91 9.30 -8.97 -0.56
C PHE A 91 10.15 -9.18 0.69
N GLU A 92 11.46 -9.34 0.50
CA GLU A 92 12.36 -9.54 1.64
C GLU A 92 12.30 -8.37 2.61
N ASN A 93 12.15 -7.17 2.07
CA ASN A 93 12.11 -5.98 2.92
C ASN A 93 10.85 -5.83 3.75
N VAL A 94 9.80 -6.58 3.42
CA VAL A 94 8.62 -6.66 4.27
C VAL A 94 9.03 -7.07 5.69
N ARG A 95 9.84 -8.12 5.75
CA ARG A 95 10.33 -8.70 6.98
C ARG A 95 11.48 -7.88 7.55
N ALA A 96 12.43 -7.50 6.69
CA ALA A 96 13.67 -6.84 7.14
C ALA A 96 13.46 -5.41 7.60
N LYS A 97 12.51 -4.70 6.98
CA LYS A 97 12.34 -3.26 7.24
C LYS A 97 10.93 -2.87 7.70
N TRP A 98 9.93 -3.19 6.90
CA TRP A 98 8.61 -2.56 7.07
C TRP A 98 7.87 -3.02 8.31
N TYR A 99 7.82 -4.34 8.52
CA TYR A 99 7.16 -4.88 9.71
C TYR A 99 7.76 -4.30 11.00
N PRO A 100 9.08 -4.39 11.18
CA PRO A 100 9.68 -3.83 12.40
C PRO A 100 9.52 -2.33 12.57
N GLU A 101 9.53 -1.57 11.48
CA GLU A 101 9.30 -0.10 11.54
C GLU A 101 7.90 0.20 12.05
N VAL A 102 6.91 -0.37 11.39
CA VAL A 102 5.51 -0.12 11.75
C VAL A 102 5.17 -0.54 13.18
N ARG A 103 5.64 -1.72 13.56
CA ARG A 103 5.40 -2.24 14.92
C ARG A 103 6.01 -1.45 16.06
N HIS A 104 7.16 -0.86 15.79
CA HIS A 104 7.83 -0.03 16.78
C HIS A 104 6.95 1.16 17.17
N HIS A 105 6.35 1.78 16.16
CA HIS A 105 5.52 2.94 16.39
C HIS A 105 4.09 2.60 16.77
N CYS A 106 3.60 1.46 16.28
CA CYS A 106 2.21 1.10 16.42
C CYS A 106 2.16 -0.35 16.84
N PRO A 107 2.27 -0.60 18.15
CA PRO A 107 2.48 -1.98 18.62
C PRO A 107 1.30 -2.91 18.36
N HIS A 108 0.09 -2.36 18.31
CA HIS A 108 -1.11 -3.20 18.19
C HIS A 108 -1.91 -3.02 16.90
N THR A 109 -1.48 -2.12 16.03
CA THR A 109 -2.31 -1.75 14.89
C THR A 109 -2.33 -2.87 13.84
N PRO A 110 -3.52 -3.24 13.32
CA PRO A 110 -3.59 -4.30 12.31
C PRO A 110 -2.77 -3.96 11.07
N ILE A 111 -2.10 -4.97 10.52
CA ILE A 111 -1.31 -4.87 9.27
C ILE A 111 -1.88 -5.81 8.24
N LEU A 112 -2.17 -5.30 7.04
CA LEU A 112 -2.48 -6.15 5.90
C LEU A 112 -1.23 -6.22 5.02
N LEU A 113 -0.86 -7.43 4.58
CA LEU A 113 0.25 -7.56 3.63
C LEU A 113 -0.35 -7.58 2.23
N VAL A 114 0.12 -6.68 1.37
CA VAL A 114 -0.41 -6.55 0.02
C VAL A 114 0.66 -6.80 -1.04
N GLY A 115 0.45 -7.84 -1.84
CA GLY A 115 1.26 -8.11 -3.00
C GLY A 115 0.68 -7.34 -4.16
N THR A 116 1.48 -6.44 -4.75
CA THR A 116 1.06 -5.54 -5.85
C THR A 116 1.56 -6.02 -7.22
N LYS A 117 1.07 -5.41 -8.28
CA LYS A 117 1.48 -5.72 -9.65
C LYS A 117 1.12 -7.18 -10.03
N LEU A 118 -0.03 -7.64 -9.55
CA LEU A 118 -0.51 -8.97 -9.84
C LEU A 118 -0.56 -9.28 -11.33
N ASP A 119 -0.86 -8.26 -12.15
CA ASP A 119 -0.90 -8.42 -13.62
C ASP A 119 0.44 -8.85 -14.20
N LEU A 120 1.54 -8.51 -13.54
CA LEU A 120 2.87 -8.89 -14.05
C LEU A 120 3.28 -10.33 -13.71
N ARG A 121 2.60 -10.97 -12.77
CA ARG A 121 2.96 -12.37 -12.43
C ARG A 121 2.79 -13.33 -13.61
N ASP A 122 1.81 -13.05 -14.47
CA ASP A 122 1.54 -13.82 -15.70
C ASP A 122 2.07 -13.14 -16.97
N ASP A 123 2.78 -12.03 -16.82
CA ASP A 123 3.37 -11.31 -17.96
C ASP A 123 4.63 -12.02 -18.44
N LYS A 124 4.63 -12.46 -19.70
CA LYS A 124 5.75 -13.23 -20.25
C LYS A 124 7.11 -12.55 -20.12
N ASP A 125 7.19 -11.27 -20.47
CA ASP A 125 8.47 -10.55 -20.40
C ASP A 125 8.99 -10.45 -18.95
N THR A 126 8.07 -10.24 -18.02
CA THR A 126 8.45 -10.15 -16.62
C THR A 126 8.95 -11.51 -16.12
N ILE A 127 8.20 -12.56 -16.45
CA ILE A 127 8.61 -13.93 -16.11
C ILE A 127 10.01 -14.24 -16.67
N GLU A 128 10.25 -13.85 -17.91
CA GLU A 128 11.56 -14.11 -18.53
C GLU A 128 12.65 -13.31 -17.87
N ARG A 129 12.39 -12.03 -17.59
CA ARG A 129 13.38 -11.20 -16.94
C ARG A 129 13.84 -11.81 -15.60
N LEU A 130 12.90 -12.35 -14.82
CA LEU A 130 13.23 -13.02 -13.56
C LEU A 130 13.91 -14.39 -13.81
N ARG A 131 13.40 -15.13 -14.79
CA ARG A 131 13.89 -16.48 -15.07
C ARG A 131 15.34 -16.43 -15.55
N ASP A 132 15.71 -15.33 -16.19
CA ASP A 132 17.10 -15.09 -16.60
C ASP A 132 18.03 -15.07 -15.41
N LYS A 133 17.51 -14.68 -14.25
CA LYS A 133 18.30 -14.59 -13.03
C LYS A 133 17.91 -15.70 -12.04
N LYS A 134 17.29 -16.76 -12.54
CA LYS A 134 16.94 -17.94 -11.75
C LYS A 134 15.89 -17.61 -10.66
N LEU A 135 15.09 -16.58 -10.93
CA LEU A 135 14.02 -16.14 -10.01
C LEU A 135 12.65 -16.32 -10.66
N ALA A 136 11.62 -16.28 -9.82
CA ALA A 136 10.26 -16.31 -10.28
C ALA A 136 9.42 -15.35 -9.45
N PRO A 137 8.27 -14.95 -9.97
CA PRO A 137 7.36 -14.15 -9.13
C PRO A 137 7.03 -14.81 -7.79
N ILE A 138 6.68 -13.99 -6.80
CA ILE A 138 6.24 -14.50 -5.52
C ILE A 138 4.86 -15.14 -5.70
N THR A 139 4.67 -16.35 -5.15
CA THR A 139 3.39 -17.05 -5.30
C THR A 139 2.47 -16.71 -4.15
N TYR A 140 1.19 -17.03 -4.30
CA TYR A 140 0.24 -16.71 -3.26
C TYR A 140 0.60 -17.46 -1.95
N PRO A 141 0.82 -18.79 -1.99
CA PRO A 141 1.24 -19.43 -0.72
C PRO A 141 2.50 -18.83 -0.09
N GLN A 142 3.45 -18.39 -0.90
CA GLN A 142 4.68 -17.80 -0.38
C GLN A 142 4.39 -16.46 0.30
N GLY A 143 3.50 -15.68 -0.32
CA GLY A 143 3.10 -14.38 0.26
C GLY A 143 2.38 -14.63 1.58
N LEU A 144 1.51 -15.63 1.59
CA LEU A 144 0.74 -15.93 2.78
C LEU A 144 1.68 -16.33 3.93
N ALA A 145 2.72 -17.10 3.59
CA ALA A 145 3.70 -17.51 4.60
C ALA A 145 4.42 -16.30 5.21
N MET A 146 4.75 -15.33 4.36
CA MET A 146 5.32 -14.08 4.85
C MET A 146 4.33 -13.32 5.72
N ALA A 147 3.07 -13.28 5.30
CA ALA A 147 2.02 -12.62 6.11
C ALA A 147 1.95 -13.22 7.53
N ARG A 148 2.02 -14.55 7.62
CA ARG A 148 2.03 -15.25 8.90
C ARG A 148 3.27 -14.92 9.72
N GLU A 149 4.41 -14.87 9.06
CA GLU A 149 5.68 -14.57 9.76
C GLU A 149 5.67 -13.20 10.41
N ILE A 150 5.06 -12.23 9.72
CA ILE A 150 5.01 -10.85 10.23
C ILE A 150 3.74 -10.53 11.01
N GLY A 151 2.87 -11.52 11.16
CA GLY A 151 1.64 -11.32 11.92
C GLY A 151 0.64 -10.38 11.26
N SER A 152 0.54 -10.45 9.94
CA SER A 152 -0.49 -9.70 9.21
CA SER A 152 -0.50 -9.71 9.20
C SER A 152 -1.85 -10.31 9.51
N VAL A 153 -2.88 -9.48 9.61
CA VAL A 153 -4.24 -9.99 9.80
C VAL A 153 -4.83 -10.55 8.52
N LYS A 154 -4.26 -10.19 7.36
CA LYS A 154 -4.76 -10.66 6.05
C LYS A 154 -3.67 -10.46 5.02
N TYR A 155 -3.56 -11.40 4.09
CA TYR A 155 -2.70 -11.30 2.93
C TYR A 155 -3.60 -11.13 1.70
N LEU A 156 -3.31 -10.14 0.86
CA LEU A 156 -4.10 -9.87 -0.33
C LEU A 156 -3.19 -9.59 -1.50
N GLU A 157 -3.65 -9.93 -2.70
CA GLU A 157 -2.93 -9.61 -3.92
C GLU A 157 -3.81 -8.77 -4.84
N CYS A 158 -3.19 -7.83 -5.57
CA CYS A 158 -3.98 -6.95 -6.44
C CYS A 158 -3.10 -6.37 -7.57
N SER A 159 -3.78 -5.84 -8.59
CA SER A 159 -3.18 -5.03 -9.64
C SER A 159 -3.91 -3.71 -9.64
N ALA A 160 -3.19 -2.63 -9.38
CA ALA A 160 -3.70 -1.28 -9.53
C ALA A 160 -4.07 -1.00 -10.99
N LEU A 161 -3.34 -1.65 -11.88
CA LEU A 161 -3.47 -1.42 -13.30
C LEU A 161 -4.76 -1.98 -13.87
N THR A 162 -5.02 -3.26 -13.61
CA THR A 162 -6.24 -3.90 -14.07
C THR A 162 -7.40 -3.73 -13.08
N GLN A 163 -7.05 -3.41 -11.82
CA GLN A 163 -7.99 -3.35 -10.68
C GLN A 163 -8.42 -4.73 -10.14
N ARG A 164 -7.87 -5.82 -10.69
CA ARG A 164 -8.13 -7.13 -10.10
C ARG A 164 -7.64 -7.17 -8.65
N GLY A 165 -8.56 -7.49 -7.73
CA GLY A 165 -8.26 -7.60 -6.28
C GLY A 165 -8.18 -6.27 -5.54
N LEU A 166 -8.34 -5.16 -6.26
CA LEU A 166 -8.07 -3.82 -5.71
C LEU A 166 -9.12 -3.44 -4.67
N LYS A 167 -10.39 -3.52 -5.06
CA LYS A 167 -11.49 -3.22 -4.11
C LYS A 167 -11.37 -4.04 -2.83
N THR A 168 -11.06 -5.33 -3.00
CA THR A 168 -10.95 -6.23 -1.86
C THR A 168 -9.87 -5.81 -0.86
N VAL A 169 -8.77 -5.23 -1.33
CA VAL A 169 -7.71 -4.74 -0.43
C VAL A 169 -8.30 -3.73 0.57
N PHE A 170 -9.06 -2.76 0.05
CA PHE A 170 -9.64 -1.73 0.88
C PHE A 170 -10.84 -2.22 1.69
N ASP A 171 -11.62 -3.13 1.11
CA ASP A 171 -12.70 -3.78 1.86
C ASP A 171 -12.15 -4.47 3.12
N GLU A 172 -11.08 -5.21 2.95
CA GLU A 172 -10.47 -5.95 4.06
C GLU A 172 -9.79 -5.01 5.07
N ALA A 173 -9.24 -3.90 4.57
CA ALA A 173 -8.66 -2.88 5.44
C ALA A 173 -9.76 -2.28 6.33
N ILE A 174 -10.89 -1.99 5.72
CA ILE A 174 -12.04 -1.47 6.45
C ILE A 174 -12.52 -2.48 7.50
N ARG A 175 -12.74 -3.74 7.09
CA ARG A 175 -13.23 -4.78 8.00
C ARG A 175 -12.25 -5.09 9.12
N ALA A 176 -10.95 -4.96 8.84
CA ALA A 176 -9.89 -5.09 9.86
C ALA A 176 -10.08 -4.06 10.99
N VAL A 177 -10.66 -2.90 10.70
CA VAL A 177 -10.86 -1.86 11.69
C VAL A 177 -12.26 -1.91 12.30
N LEU A 178 -13.26 -2.03 11.44
CA LEU A 178 -14.64 -1.86 11.90
C LEU A 178 -15.37 -3.17 12.12
N GLY A 179 -14.81 -4.27 11.64
CA GLY A 179 -15.47 -5.56 11.73
C GLY A 179 -16.52 -5.72 10.64
N GLU B 1 -22.86 -4.56 3.05
CA GLU B 1 -21.68 -4.74 2.16
C GLU B 1 -20.94 -3.41 2.08
N ILE B 2 -19.83 -3.38 1.35
CA ILE B 2 -19.05 -2.14 1.19
C ILE B 2 -19.11 -1.65 -0.26
N SER B 3 -19.41 -0.36 -0.42
CA SER B 3 -19.60 0.21 -1.76
C SER B 3 -18.27 0.55 -2.37
N LEU B 4 -18.29 0.93 -3.65
CA LEU B 4 -17.14 1.54 -4.31
C LEU B 4 -16.92 2.94 -3.67
N PRO B 5 -15.68 3.45 -3.69
CA PRO B 5 -15.43 4.76 -3.09
C PRO B 5 -15.92 5.92 -3.93
N SER B 6 -16.11 7.07 -3.28
CA SER B 6 -16.52 8.31 -3.93
C SER B 6 -15.82 9.49 -3.28
N ASP B 7 -16.03 10.68 -3.82
CA ASP B 7 -15.60 11.93 -3.16
C ASP B 7 -14.09 12.03 -2.96
N PHE B 8 -13.33 11.60 -3.96
CA PHE B 8 -11.87 11.71 -3.85
C PHE B 8 -11.47 13.17 -3.58
N GLU B 9 -10.56 13.37 -2.62
CA GLU B 9 -9.92 14.69 -2.45
C GLU B 9 -8.44 14.48 -2.17
N HIS B 10 -7.58 15.29 -2.78
CA HIS B 10 -6.12 15.24 -2.52
C HIS B 10 -5.89 16.30 -1.47
N THR B 11 -5.87 15.90 -0.21
CA THR B 11 -5.93 16.83 0.89
C THR B 11 -4.58 17.45 1.23
N ILE B 12 -3.50 16.66 1.18
CA ILE B 12 -2.15 17.16 1.47
C ILE B 12 -1.22 16.67 0.39
N HIS B 13 -0.38 17.59 -0.10
CA HIS B 13 0.75 17.23 -0.94
C HIS B 13 2.00 17.87 -0.41
N VAL B 14 3.02 17.04 -0.19
CA VAL B 14 4.34 17.51 0.14
C VAL B 14 5.34 17.10 -0.97
N GLY B 15 6.12 18.07 -1.44
CA GLY B 15 7.12 17.85 -2.46
C GLY B 15 8.48 18.09 -1.88
N PHE B 16 9.51 17.88 -2.70
CA PHE B 16 10.86 18.24 -2.32
C PHE B 16 11.60 18.73 -3.54
N ASP B 17 12.17 19.93 -3.42
CA ASP B 17 12.86 20.58 -4.53
C ASP B 17 14.34 20.45 -4.22
N ALA B 18 15.02 19.55 -4.95
CA ALA B 18 16.38 19.18 -4.62
C ALA B 18 17.38 20.34 -4.83
N VAL B 19 17.03 21.28 -5.71
CA VAL B 19 17.86 22.46 -6.01
C VAL B 19 17.81 23.49 -4.88
N THR B 20 16.64 23.71 -4.30
CA THR B 20 16.49 24.63 -3.16
C THR B 20 16.70 23.88 -1.84
N GLY B 21 16.71 22.55 -1.89
CA GLY B 21 16.75 21.72 -0.69
C GLY B 21 15.54 21.85 0.25
N GLU B 22 14.41 22.34 -0.27
CA GLU B 22 13.20 22.54 0.56
C GLU B 22 11.96 21.72 0.13
N PHE B 23 11.08 21.43 1.09
CA PHE B 23 9.76 20.87 0.80
C PHE B 23 8.80 21.90 0.16
N THR B 24 8.02 21.47 -0.83
CA THR B 24 7.06 22.31 -1.53
C THR B 24 5.66 21.90 -1.11
MG MG C . 4.52 6.76 -4.24
PG GCP D . 7.51 5.73 -4.04
O1G GCP D . 6.44 6.76 -3.84
O2G GCP D . 7.69 4.91 -2.81
O3G GCP D . 8.81 6.39 -4.50
C3B GCP D . 6.96 4.73 -5.44
PB GCP D . 5.37 3.86 -5.25
O1B GCP D . 5.55 2.64 -4.35
O2B GCP D . 4.31 4.85 -4.93
O3A GCP D . 5.12 3.29 -6.77
PA GCP D . 4.18 4.00 -7.87
O1A GCP D . 2.75 3.78 -7.51
O2A GCP D . 4.72 5.39 -8.10
O5' GCP D . 4.50 3.03 -9.11
C5' GCP D . 5.83 2.71 -9.48
C4' GCP D . 5.84 2.09 -10.88
O4' GCP D . 5.18 0.83 -10.85
C3' GCP D . 5.15 2.91 -11.93
O3' GCP D . 5.89 2.82 -13.16
C2' GCP D . 3.79 2.28 -12.09
O2' GCP D . 3.27 2.45 -13.41
C1' GCP D . 4.09 0.84 -11.78
N9 GCP D . 2.91 0.18 -11.22
C8 GCP D . 2.24 0.54 -10.09
N7 GCP D . 1.20 -0.29 -9.90
C5 GCP D . 1.23 -1.19 -10.92
C6 GCP D . 0.45 -2.37 -11.31
O6 GCP D . -0.56 -2.71 -10.63
N1 GCP D . 0.82 -3.04 -12.42
C2 GCP D . 1.87 -2.69 -13.20
N2 GCP D . 2.14 -3.41 -14.29
N3 GCP D . 2.66 -1.63 -12.93
C4 GCP D . 2.38 -0.89 -11.78
C1 GOL E . -16.47 -7.49 2.08
O1 GOL E . -16.37 -7.13 3.44
C2 GOL E . -17.83 -7.10 1.51
O2 GOL E . -18.69 -6.60 2.50
C3 GOL E . -17.63 -6.09 0.39
O3 GOL E . -18.87 -5.66 -0.14
C1 GOL F . -11.71 -9.95 -7.04
C1 GOL F . -11.75 -9.96 -7.18
O1 GOL F . -11.26 -10.24 -5.73
O1 GOL F . -10.96 -10.76 -8.04
C2 GOL F . -11.32 -8.51 -7.35
O2 GOL F . -11.31 -8.23 -8.73
C3 GOL F . -12.17 -7.50 -6.57
O3 GOL F . -11.32 -6.69 -5.76
#